data_3D0P
#
_entry.id   3D0P
#
_cell.length_a   98.397
_cell.length_b   66.660
_cell.length_c   76.926
_cell.angle_alpha   90.00
_cell.angle_beta   122.31
_cell.angle_gamma   90.00
#
_symmetry.space_group_name_H-M   'C 1 2 1'
#
loop_
_entity.id
_entity.type
_entity.pdbx_description
1 polymer 'Ribonuclease H'
2 polymer "DNA (5'-D(*DCP*DGP*DCP*DGP*DAP*DAP*DTP*DTP*DCP*DGP*DCP*DG)-3')"
3 non-polymer 'SODIUM ION'
4 water water
#
loop_
_entity_poly.entity_id
_entity_poly.type
_entity_poly.pdbx_seq_one_letter_code
_entity_poly.pdbx_strand_id
1 'polypeptide(L)'
;EEIIWESLSVDVGSQGNPGIVEYKGVDTKTGEVLFEREPIPIGTNNMGEFLAIVHGLRYLKERNSRKPIYSNSQTAIKWV
KDKKAKSTLVRNEETALIWKLVDEAEEWLNTHTYETPILKWQTDKWGEIKADYG
;
A,C
2 'polydeoxyribonucleotide' (DC)(DG)(DC)(DG)(DA)(DA)(DT)(DT)(DC)(DG)(DC)(DG) B,D
#
loop_
_chem_comp.id
_chem_comp.type
_chem_comp.name
_chem_comp.formula
DA DNA linking 2'-DEOXYADENOSINE-5'-MONOPHOSPHATE 'C10 H14 N5 O6 P'
DC DNA linking 2'-DEOXYCYTIDINE-5'-MONOPHOSPHATE 'C9 H14 N3 O7 P'
DG DNA linking 2'-DEOXYGUANOSINE-5'-MONOPHOSPHATE 'C10 H14 N5 O7 P'
DT DNA linking THYMIDINE-5'-MONOPHOSPHATE 'C10 H15 N2 O8 P'
NA non-polymer 'SODIUM ION' 'Na 1'
#
# COMPACT_ATOMS: atom_id res chain seq x y z
N GLU A 1 -5.35 19.03 -2.74
CA GLU A 1 -5.34 20.40 -2.17
C GLU A 1 -4.11 20.59 -1.25
N GLU A 2 -2.88 20.43 -1.77
CA GLU A 2 -2.63 20.03 -3.17
C GLU A 2 -2.72 18.50 -3.41
N ILE A 3 -2.01 17.99 -4.41
CA ILE A 3 -2.41 16.74 -5.08
C ILE A 3 -1.76 15.45 -4.57
N ILE A 4 -2.59 14.44 -4.27
CA ILE A 4 -2.10 13.11 -4.00
C ILE A 4 -1.99 12.41 -5.34
N TRP A 5 -0.78 12.40 -5.89
CA TRP A 5 -0.51 11.81 -7.20
C TRP A 5 -0.68 10.31 -7.23
N GLU A 6 -0.49 9.67 -6.08
CA GLU A 6 -0.63 8.23 -6.02
C GLU A 6 -2.10 7.90 -5.69
N SER A 7 -2.94 7.94 -6.72
CA SER A 7 -4.40 7.93 -6.50
C SER A 7 -5.07 7.36 -7.71
N LEU A 8 -6.39 7.20 -7.61
CA LEU A 8 -7.18 6.69 -8.70
C LEU A 8 -8.10 7.82 -9.17
N SER A 9 -8.10 8.12 -10.45
CA SER A 9 -9.00 9.18 -10.95
C SER A 9 -10.07 8.43 -11.74
N VAL A 10 -11.32 8.76 -11.48
CA VAL A 10 -12.42 8.10 -12.21
C VAL A 10 -13.15 9.12 -13.09
N ASP A 11 -13.47 8.72 -14.32
CA ASP A 11 -13.99 9.64 -15.35
C ASP A 11 -15.21 9.06 -15.99
N VAL A 12 -16.17 9.90 -16.34
CA VAL A 12 -17.38 9.48 -17.06
C VAL A 12 -17.35 10.06 -18.47
N GLY A 13 -17.85 9.28 -19.43
CA GLY A 13 -17.87 9.76 -20.82
C GLY A 13 -19.31 9.72 -21.31
N SER A 14 -19.76 10.84 -21.87
CA SER A 14 -21.15 11.07 -22.21
C SER A 14 -21.26 11.75 -23.61
N GLN A 15 -22.12 11.21 -24.49
CA GLN A 15 -22.50 11.84 -25.78
C GLN A 15 -23.66 12.82 -25.48
N GLY A 16 -24.87 12.47 -25.83
CA GLY A 16 -26.03 13.17 -25.33
C GLY A 16 -26.12 12.79 -23.87
N ASN A 17 -26.79 13.63 -23.09
CA ASN A 17 -27.04 13.38 -21.68
C ASN A 17 -28.52 13.71 -21.47
N PRO A 18 -29.41 12.69 -21.32
CA PRO A 18 -29.12 11.25 -21.25
C PRO A 18 -28.74 10.70 -22.60
N GLY A 19 -27.97 9.61 -22.56
CA GLY A 19 -27.59 8.94 -23.75
C GLY A 19 -26.53 7.93 -23.39
N ILE A 20 -25.69 7.57 -24.35
CA ILE A 20 -24.69 6.51 -24.15
C ILE A 20 -23.65 6.97 -23.13
N VAL A 21 -23.41 6.15 -22.13
CA VAL A 21 -22.46 6.49 -21.05
C VAL A 21 -21.41 5.37 -20.86
N GLU A 22 -20.19 5.73 -20.54
CA GLU A 22 -19.15 4.79 -20.20
C GLU A 22 -18.32 5.42 -19.09
N TYR A 23 -17.43 4.67 -18.47
CA TYR A 23 -16.55 5.26 -17.45
C TYR A 23 -15.30 4.44 -17.35
N LYS A 24 -14.30 5.00 -16.68
CA LYS A 24 -13.02 4.33 -16.45
C LYS A 24 -12.35 4.90 -15.23
N GLY A 25 -11.40 4.12 -14.70
CA GLY A 25 -10.56 4.51 -13.57
C GLY A 25 -9.14 4.44 -14.08
N VAL A 26 -8.35 5.47 -13.79
CA VAL A 26 -6.98 5.57 -14.30
C VAL A 26 -6.07 5.97 -13.15
N ASP A 27 -4.80 5.54 -13.23
CA ASP A 27 -3.76 6.04 -12.34
C ASP A 27 -3.58 7.53 -12.58
N THR A 28 -3.70 8.35 -11.54
CA THR A 28 -3.64 9.82 -11.66
C THR A 28 -2.32 10.34 -12.28
N LYS A 29 -1.21 9.78 -11.83
CA LYS A 29 0.11 10.29 -12.25
C LYS A 29 0.49 9.84 -13.66
N THR A 30 0.28 8.56 -13.95
CA THR A 30 0.71 8.01 -15.24
C THR A 30 -0.37 8.03 -16.34
N GLY A 31 -1.63 7.89 -15.93
CA GLY A 31 -2.71 7.70 -16.89
C GLY A 31 -3.03 6.26 -17.25
N GLU A 32 -2.38 5.30 -16.59
CA GLU A 32 -2.70 3.89 -16.84
C GLU A 32 -4.18 3.55 -16.59
N VAL A 33 -4.82 2.90 -17.56
CA VAL A 33 -6.25 2.48 -17.44
C VAL A 33 -6.40 1.22 -16.56
N LEU A 34 -7.04 1.42 -15.41
CA LEU A 34 -7.09 0.37 -14.39
C LEU A 34 -8.37 -0.45 -14.45
N PHE A 35 -9.45 0.18 -14.91
CA PHE A 35 -10.70 -0.51 -15.25
C PHE A 35 -11.48 0.38 -16.21
N GLU A 36 -12.32 -0.24 -17.03
CA GLU A 36 -13.18 0.49 -17.97
C GLU A 36 -14.53 -0.24 -18.09
N ARG A 37 -15.59 0.55 -18.18
CA ARG A 37 -16.92 0.03 -18.36
C ARG A 37 -17.33 0.26 -19.81
N GLU A 38 -17.73 -0.81 -20.48
CA GLU A 38 -18.20 -0.71 -21.87
C GLU A 38 -19.47 0.15 -21.91
N PRO A 39 -19.72 0.85 -23.01
CA PRO A 39 -20.79 1.82 -23.06
C PRO A 39 -22.15 1.20 -22.76
N ILE A 40 -22.90 1.91 -21.92
CA ILE A 40 -24.28 1.58 -21.56
C ILE A 40 -25.16 2.46 -22.46
N PRO A 41 -26.09 1.84 -23.24
CA PRO A 41 -26.89 2.62 -24.19
C PRO A 41 -27.57 3.88 -23.66
N ILE A 42 -28.20 3.81 -22.48
CA ILE A 42 -28.85 4.98 -21.91
C ILE A 42 -28.54 5.17 -20.44
N GLY A 43 -27.96 6.33 -20.13
CA GLY A 43 -27.70 6.72 -18.76
C GLY A 43 -27.50 8.21 -18.70
N THR A 44 -27.13 8.76 -17.54
CA THR A 44 -26.76 10.17 -17.45
C THR A 44 -25.32 10.26 -16.98
N ASN A 45 -24.70 11.43 -17.20
CA ASN A 45 -23.38 11.74 -16.69
C ASN A 45 -23.27 11.44 -15.21
N ASN A 46 -24.24 11.92 -14.42
CA ASN A 46 -24.18 11.71 -12.97
C ASN A 46 -24.31 10.24 -12.54
N MET A 47 -25.21 9.49 -13.17
CA MET A 47 -25.33 8.05 -12.90
C MET A 47 -23.99 7.32 -13.20
N GLY A 48 -23.41 7.65 -14.34
CA GLY A 48 -22.18 7.03 -14.81
C GLY A 48 -21.02 7.28 -13.87
N GLU A 49 -20.90 8.53 -13.40
CA GLU A 49 -19.80 8.86 -12.50
C GLU A 49 -20.04 8.29 -11.09
N PHE A 50 -21.29 8.25 -10.64
CA PHE A 50 -21.62 7.51 -9.40
C PHE A 50 -21.12 6.04 -9.47
N LEU A 51 -21.46 5.33 -10.53
CA LEU A 51 -21.03 3.94 -10.74
C LEU A 51 -19.50 3.87 -10.78
N ALA A 52 -18.90 4.85 -11.47
CA ALA A 52 -17.43 4.92 -11.55
C ALA A 52 -16.73 4.99 -10.20
N ILE A 53 -17.23 5.89 -9.32
CA ILE A 53 -16.66 6.03 -7.97
C ILE A 53 -16.87 4.73 -7.17
N VAL A 54 -18.07 4.17 -7.24
CA VAL A 54 -18.32 2.91 -6.48
C VAL A 54 -17.45 1.77 -7.05
N HIS A 55 -17.30 1.68 -8.37
CA HIS A 55 -16.41 0.67 -8.98
C HIS A 55 -14.98 0.86 -8.45
N GLY A 56 -14.53 2.12 -8.42
CA GLY A 56 -13.27 2.52 -7.80
C GLY A 56 -13.10 2.09 -6.36
N LEU A 57 -14.12 2.32 -5.55
CA LEU A 57 -14.11 1.89 -4.12
C LEU A 57 -13.94 0.39 -4.01
N ARG A 58 -14.64 -0.33 -4.87
CA ARG A 58 -14.58 -1.79 -4.81
C ARG A 58 -13.23 -2.32 -5.27
N TYR A 59 -12.70 -1.69 -6.31
CA TYR A 59 -11.41 -2.06 -6.90
C TYR A 59 -10.25 -1.84 -5.91
N LEU A 60 -10.32 -0.75 -5.14
CA LEU A 60 -9.29 -0.39 -4.18
C LEU A 60 -9.40 -1.24 -2.92
N LYS A 61 -10.63 -1.49 -2.50
CA LYS A 61 -10.90 -2.27 -1.28
C LYS A 61 -10.41 -3.69 -1.42
N GLU A 62 -10.62 -4.27 -2.58
CA GLU A 62 -10.22 -5.66 -2.72
C GLU A 62 -8.71 -5.82 -2.92
N ARG A 63 -8.02 -4.73 -3.25
CA ARG A 63 -6.56 -4.70 -3.38
C ARG A 63 -5.90 -4.06 -2.16
N ASN A 64 -6.68 -3.89 -1.09
CA ASN A 64 -6.14 -3.33 0.14
C ASN A 64 -5.38 -2.02 -0.01
N SER A 65 -5.83 -1.18 -0.94
CA SER A 65 -5.13 0.06 -1.22
C SER A 65 -5.59 1.17 -0.30
N ARG A 66 -4.62 2.00 0.11
CA ARG A 66 -4.91 3.21 0.86
C ARG A 66 -5.14 4.39 -0.08
N LYS A 67 -5.02 4.15 -1.38
CA LYS A 67 -5.10 5.24 -2.38
C LYS A 67 -6.43 6.01 -2.32
N PRO A 68 -6.39 7.35 -2.51
CA PRO A 68 -7.65 8.04 -2.61
C PRO A 68 -8.17 7.97 -4.06
N ILE A 69 -9.42 8.38 -4.21
CA ILE A 69 -10.09 8.55 -5.51
C ILE A 69 -10.38 10.01 -5.73
N TYR A 70 -10.03 10.49 -6.92
CA TYR A 70 -10.45 11.82 -7.36
C TYR A 70 -11.59 11.73 -8.38
N SER A 71 -12.57 12.62 -8.21
CA SER A 71 -13.65 12.85 -9.16
C SER A 71 -13.81 14.34 -9.31
N ASN A 72 -14.07 14.81 -10.55
CA ASN A 72 -14.46 16.23 -10.74
C ASN A 72 -15.97 16.56 -10.52
N SER A 73 -16.73 15.59 -10.02
CA SER A 73 -18.17 15.71 -9.94
C SER A 73 -18.63 15.93 -8.49
N GLN A 74 -19.00 17.16 -8.18
CA GLN A 74 -19.62 17.45 -6.88
C GLN A 74 -20.80 16.49 -6.60
N THR A 75 -21.63 16.31 -7.62
CA THR A 75 -22.83 15.51 -7.54
C THR A 75 -22.51 14.05 -7.25
N ALA A 76 -21.67 13.41 -8.07
CA ALA A 76 -21.38 11.99 -7.83
C ALA A 76 -20.71 11.76 -6.47
N ILE A 77 -19.84 12.67 -6.05
CA ILE A 77 -19.22 12.52 -4.72
C ILE A 77 -20.29 12.59 -3.62
N LYS A 78 -21.18 13.57 -3.73
CA LYS A 78 -22.26 13.72 -2.74
C LYS A 78 -23.18 12.49 -2.68
N TRP A 79 -23.52 11.97 -3.85
CA TRP A 79 -24.37 10.76 -3.93
C TRP A 79 -23.68 9.59 -3.24
N VAL A 80 -22.38 9.41 -3.46
CA VAL A 80 -21.64 8.31 -2.81
C VAL A 80 -21.63 8.48 -1.29
N LYS A 81 -21.29 9.68 -0.83
CA LYS A 81 -21.39 9.96 0.62
C LYS A 81 -22.78 9.70 1.23
N ASP A 82 -23.85 10.09 0.52
CA ASP A 82 -25.22 9.84 0.93
C ASP A 82 -25.70 8.41 0.72
N LYS A 83 -24.94 7.61 -0.03
CA LYS A 83 -25.36 6.24 -0.37
C LYS A 83 -26.66 6.26 -1.16
N LYS A 84 -26.86 7.30 -1.96
CA LYS A 84 -28.11 7.47 -2.63
C LYS A 84 -27.91 8.31 -3.88
N ALA A 85 -28.21 7.71 -5.03
CA ALA A 85 -28.08 8.38 -6.32
C ALA A 85 -29.39 9.05 -6.67
N LYS A 86 -29.45 10.36 -6.43
CA LYS A 86 -30.70 11.10 -6.64
C LYS A 86 -30.97 11.53 -8.07
N SER A 87 -30.96 10.57 -9.01
CA SER A 87 -31.18 10.83 -10.42
C SER A 87 -32.66 11.09 -10.76
N THR A 88 -32.86 12.02 -11.68
CA THR A 88 -34.16 12.30 -12.31
C THR A 88 -34.48 11.35 -13.45
N LEU A 89 -33.56 10.44 -13.81
CA LEU A 89 -33.76 9.73 -15.06
C LEU A 89 -34.96 8.82 -14.84
N VAL A 90 -35.91 8.84 -15.78
CA VAL A 90 -37.10 7.96 -15.74
C VAL A 90 -36.70 6.48 -15.62
N ARG A 91 -37.48 5.70 -14.87
CA ARG A 91 -37.33 4.25 -14.83
C ARG A 91 -38.32 3.63 -15.82
N ASN A 92 -37.80 3.08 -16.90
CA ASN A 92 -38.60 2.41 -17.91
C ASN A 92 -37.71 1.32 -18.52
N GLU A 93 -38.22 0.62 -19.52
CA GLU A 93 -37.50 -0.49 -20.14
C GLU A 93 -36.13 -0.09 -20.69
N GLU A 94 -36.05 1.10 -21.31
CA GLU A 94 -34.78 1.55 -21.88
C GLU A 94 -33.73 1.90 -20.81
N THR A 95 -34.17 2.32 -19.63
CA THR A 95 -33.23 2.75 -18.59
C THR A 95 -33.05 1.66 -17.51
N ALA A 96 -33.66 0.51 -17.70
CA ALA A 96 -33.58 -0.53 -16.68
C ALA A 96 -32.16 -0.97 -16.35
N LEU A 97 -31.28 -1.07 -17.35
CA LEU A 97 -29.89 -1.51 -17.05
C LEU A 97 -29.16 -0.53 -16.13
N ILE A 98 -29.09 0.76 -16.50
CA ILE A 98 -28.35 1.69 -15.66
C ILE A 98 -28.97 1.72 -14.26
N TRP A 99 -30.30 1.67 -14.19
CA TRP A 99 -30.93 1.78 -12.88
C TRP A 99 -30.63 0.53 -12.06
N LYS A 100 -30.54 -0.61 -12.75
CA LYS A 100 -30.16 -1.86 -12.03
C LYS A 100 -28.75 -1.72 -11.42
N LEU A 101 -27.81 -1.24 -12.23
CA LEU A 101 -26.44 -1.03 -11.75
C LEU A 101 -26.40 -0.03 -10.60
N VAL A 102 -27.14 1.08 -10.76
CA VAL A 102 -27.17 2.11 -9.71
C VAL A 102 -27.76 1.57 -8.40
N ASP A 103 -28.89 0.89 -8.50
CA ASP A 103 -29.51 0.31 -7.30
C ASP A 103 -28.55 -0.68 -6.62
N GLU A 104 -27.84 -1.49 -7.41
CA GLU A 104 -26.82 -2.40 -6.85
C GLU A 104 -25.59 -1.73 -6.25
N ALA A 105 -25.16 -0.62 -6.86
CA ALA A 105 -24.06 0.16 -6.27
C ALA A 105 -24.48 0.76 -4.93
N GLU A 106 -25.74 1.22 -4.85
CA GLU A 106 -26.28 1.76 -3.56
C GLU A 106 -26.30 0.67 -2.50
N GLU A 107 -26.79 -0.49 -2.91
CA GLU A 107 -26.79 -1.64 -1.99
C GLU A 107 -25.35 -1.99 -1.52
N TRP A 108 -24.36 -1.94 -2.42
CA TRP A 108 -22.96 -2.15 -2.02
C TRP A 108 -22.52 -1.15 -0.93
N LEU A 109 -22.80 0.13 -1.18
CA LEU A 109 -22.45 1.19 -0.23
C LEU A 109 -23.17 0.99 1.13
N ASN A 110 -24.43 0.54 1.10
CA ASN A 110 -25.19 0.27 2.34
C ASN A 110 -24.69 -0.92 3.16
N THR A 111 -23.87 -1.78 2.55
CA THR A 111 -23.50 -3.03 3.22
C THR A 111 -21.98 -3.21 3.35
N HIS A 112 -21.22 -2.15 3.07
CA HIS A 112 -19.76 -2.22 3.18
C HIS A 112 -19.16 -0.99 3.84
N THR A 113 -17.96 -1.15 4.39
CA THR A 113 -17.16 -0.03 4.85
C THR A 113 -15.96 0.06 3.93
N TYR A 114 -15.38 1.26 3.88
CA TYR A 114 -14.19 1.55 3.09
C TYR A 114 -13.44 2.70 3.73
N GLU A 115 -12.12 2.72 3.54
CA GLU A 115 -11.36 3.83 4.10
C GLU A 115 -10.96 4.82 3.02
N THR A 116 -11.25 4.49 1.77
CA THR A 116 -10.81 5.34 0.65
C THR A 116 -11.30 6.81 0.77
N PRO A 117 -10.37 7.79 0.79
CA PRO A 117 -10.89 9.16 0.72
C PRO A 117 -11.38 9.44 -0.71
N ILE A 118 -12.49 10.17 -0.83
CA ILE A 118 -13.06 10.56 -2.15
C ILE A 118 -12.90 12.05 -2.25
N LEU A 119 -11.99 12.49 -3.12
CA LEU A 119 -11.54 13.86 -3.15
C LEU A 119 -11.99 14.53 -4.43
N LYS A 120 -12.27 15.82 -4.32
CA LYS A 120 -12.66 16.63 -5.45
C LYS A 120 -11.43 17.03 -6.25
N TRP A 121 -11.44 16.70 -7.54
CA TRP A 121 -10.44 17.24 -8.49
C TRP A 121 -10.72 18.71 -8.85
N GLN A 122 -9.71 19.55 -8.69
CA GLN A 122 -9.83 20.99 -8.89
C GLN A 122 -9.38 21.33 -10.31
N THR A 123 -10.28 21.16 -11.27
CA THR A 123 -9.95 21.32 -12.68
C THR A 123 -9.38 22.72 -12.94
N ASP A 124 -9.90 23.74 -12.23
CA ASP A 124 -9.47 25.11 -12.54
C ASP A 124 -7.98 25.31 -12.30
N LYS A 125 -7.46 24.55 -11.34
CA LYS A 125 -6.08 24.66 -10.89
C LYS A 125 -5.18 23.57 -11.43
N TRP A 126 -5.70 22.34 -11.61
CA TRP A 126 -4.83 21.22 -11.90
C TRP A 126 -5.03 20.68 -13.30
N GLY A 127 -5.83 21.39 -14.07
CA GLY A 127 -6.13 20.94 -15.43
C GLY A 127 -7.16 19.85 -15.34
N GLU A 128 -7.42 19.19 -16.46
CA GLU A 128 -8.51 18.27 -16.44
C GLU A 128 -8.20 16.93 -15.76
N ILE A 129 -9.26 16.28 -15.33
CA ILE A 129 -9.07 15.02 -14.61
C ILE A 129 -8.30 14.12 -15.57
N LYS A 130 -7.36 13.36 -15.01
CA LYS A 130 -6.50 12.49 -15.77
C LYS A 130 -7.25 11.63 -16.75
N ALA A 131 -6.88 11.74 -18.04
CA ALA A 131 -7.50 10.94 -19.14
C ALA A 131 -8.99 11.27 -19.43
N ASP A 132 -9.42 12.46 -18.99
CA ASP A 132 -10.77 12.99 -19.32
C ASP A 132 -11.22 12.55 -20.73
N TYR A 133 -12.45 12.03 -20.82
CA TYR A 133 -13.01 11.62 -22.11
C TYR A 133 -13.24 12.82 -23.03
N GLY A 134 -13.48 13.98 -22.40
CA GLY A 134 -13.74 15.26 -23.07
C GLY A 134 -14.26 15.17 -24.48
N GLU C 2 32.37 5.97 18.88
CA GLU C 2 33.34 4.97 18.33
C GLU C 2 32.58 3.81 17.67
N ILE C 3 33.33 3.01 16.89
CA ILE C 3 32.79 1.92 16.09
C ILE C 3 33.45 0.61 16.54
N ILE C 4 32.62 -0.40 16.78
CA ILE C 4 33.14 -1.74 17.06
C ILE C 4 33.29 -2.50 15.75
N TRP C 5 34.51 -2.59 15.22
CA TRP C 5 34.67 -3.21 13.90
C TRP C 5 34.39 -4.70 13.87
N GLU C 6 34.64 -5.38 15.01
CA GLU C 6 34.39 -6.81 15.13
C GLU C 6 32.96 -6.94 15.53
N SER C 7 32.08 -6.76 14.53
CA SER C 7 30.65 -6.75 14.76
C SER C 7 29.95 -7.35 13.55
N LEU C 8 28.64 -7.53 13.70
CA LEU C 8 27.79 -7.93 12.59
C LEU C 8 26.94 -6.76 12.13
N SER C 9 26.90 -6.49 10.83
CA SER C 9 26.01 -5.44 10.31
C SER C 9 24.90 -6.15 9.58
N VAL C 10 23.67 -5.79 9.90
CA VAL C 10 22.51 -6.38 9.18
C VAL C 10 21.76 -5.32 8.35
N ASP C 11 21.35 -5.74 7.16
CA ASP C 11 20.81 -4.84 6.17
C ASP C 11 19.57 -5.43 5.54
N VAL C 12 18.60 -4.61 5.23
CA VAL C 12 17.40 -5.03 4.50
C VAL C 12 17.51 -4.46 3.08
N GLY C 13 16.98 -5.20 2.11
CA GLY C 13 16.92 -4.78 0.71
C GLY C 13 15.45 -4.72 0.38
N SER C 14 15.03 -3.56 -0.15
CA SER C 14 13.64 -3.22 -0.35
C SER C 14 13.58 -2.05 -1.34
N GLN C 15 13.07 -2.32 -2.54
CA GLN C 15 12.68 -1.24 -3.45
C GLN C 15 11.31 -1.61 -3.99
N GLY C 16 10.32 -0.79 -3.66
CA GLY C 16 8.92 -1.18 -3.69
C GLY C 16 8.64 -1.64 -2.27
N ASN C 17 7.85 -0.84 -1.54
CA ASN C 17 7.62 -1.06 -0.12
C ASN C 17 6.18 -0.63 0.15
N PRO C 18 5.25 -1.58 0.41
CA PRO C 18 5.50 -3.02 0.51
C PRO C 18 5.89 -3.61 -0.83
N GLY C 19 6.63 -4.71 -0.77
CA GLY C 19 7.06 -5.37 -1.98
C GLY C 19 8.10 -6.39 -1.62
N ILE C 20 8.94 -6.71 -2.59
CA ILE C 20 9.92 -7.79 -2.42
C ILE C 20 10.97 -7.35 -1.41
N VAL C 21 11.21 -8.20 -0.43
CA VAL C 21 12.16 -7.86 0.64
C VAL C 21 13.16 -9.01 0.86
N GLU C 22 14.43 -8.63 1.06
CA GLU C 22 15.49 -9.59 1.35
C GLU C 22 16.34 -8.99 2.46
N TYR C 23 17.20 -9.79 3.10
CA TYR C 23 18.14 -9.20 4.05
C TYR C 23 19.39 -10.04 4.14
N LYS C 24 20.42 -9.47 4.76
CA LYS C 24 21.68 -10.15 4.92
C LYS C 24 22.39 -9.65 6.17
N GLY C 25 23.32 -10.47 6.65
CA GLY C 25 24.19 -10.14 7.78
C GLY C 25 25.62 -10.28 7.32
N VAL C 26 26.41 -9.21 7.55
CA VAL C 26 27.80 -9.18 7.08
C VAL C 26 28.76 -8.86 8.22
N ASP C 27 29.96 -9.40 8.10
CA ASP C 27 31.04 -9.05 9.00
C ASP C 27 31.36 -7.57 8.71
N THR C 28 31.28 -6.71 9.73
CA THR C 28 31.40 -5.26 9.52
C THR C 28 32.79 -4.94 8.93
N LYS C 29 33.78 -5.74 9.31
CA LYS C 29 35.16 -5.45 8.95
C LYS C 29 35.50 -5.98 7.56
N THR C 30 35.21 -7.27 7.31
CA THR C 30 35.59 -7.95 6.09
C THR C 30 34.55 -7.87 5.00
N GLY C 31 33.29 -7.62 5.38
CA GLY C 31 32.21 -7.58 4.40
C GLY C 31 31.74 -8.97 4.02
N GLU C 32 32.34 -9.99 4.65
CA GLU C 32 31.91 -11.37 4.44
C GLU C 32 30.41 -11.52 4.75
N VAL C 33 29.66 -12.04 3.78
CA VAL C 33 28.23 -12.37 3.95
C VAL C 33 28.11 -13.62 4.81
N LEU C 34 27.57 -13.44 6.01
CA LEU C 34 27.48 -14.49 7.02
C LEU C 34 26.18 -15.25 6.93
N PHE C 35 25.12 -14.54 6.56
CA PHE C 35 23.85 -15.20 6.27
C PHE C 35 23.08 -14.29 5.32
N GLU C 36 22.12 -14.86 4.61
CA GLU C 36 21.29 -14.07 3.71
C GLU C 36 19.95 -14.74 3.52
N ARG C 37 18.92 -13.91 3.47
CA ARG C 37 17.58 -14.37 3.22
C ARG C 37 17.26 -14.04 1.81
N GLU C 38 16.94 -15.07 1.02
CA GLU C 38 16.46 -14.82 -0.35
C GLU C 38 15.15 -14.03 -0.40
N PRO C 39 14.88 -13.37 -1.52
CA PRO C 39 13.74 -12.49 -1.57
C PRO C 39 12.40 -13.12 -1.20
N ILE C 40 11.66 -12.41 -0.37
CA ILE C 40 10.30 -12.75 0.05
C ILE C 40 9.36 -11.86 -0.77
N PRO C 41 8.39 -12.48 -1.49
CA PRO C 41 7.66 -11.69 -2.48
C PRO C 41 7.00 -10.42 -1.96
N ILE C 42 6.35 -10.49 -0.78
CA ILE C 42 5.72 -9.32 -0.15
C ILE C 42 6.13 -9.11 1.32
N GLY C 43 6.69 -7.94 1.62
CA GLY C 43 6.93 -7.56 3.00
C GLY C 43 7.17 -6.07 3.05
N THR C 44 7.57 -5.56 4.22
CA THR C 44 7.97 -4.15 4.33
C THR C 44 9.44 -4.05 4.73
N ASN C 45 10.04 -2.89 4.44
CA ASN C 45 11.38 -2.57 4.91
C ASN C 45 11.57 -2.88 6.41
N ASN C 46 10.62 -2.43 7.25
CA ASN C 46 10.75 -2.56 8.68
C ASN C 46 10.62 -4.00 9.15
N MET C 47 9.68 -4.73 8.57
CA MET C 47 9.58 -6.17 8.87
C MET C 47 10.89 -6.91 8.48
N GLY C 48 11.43 -6.58 7.31
CA GLY C 48 12.62 -7.24 6.76
C GLY C 48 13.79 -7.00 7.69
N GLU C 49 13.97 -5.75 8.11
CA GLU C 49 15.06 -5.40 9.03
C GLU C 49 14.90 -5.96 10.45
N PHE C 50 13.67 -5.99 10.94
CA PHE C 50 13.34 -6.74 12.15
C PHE C 50 13.77 -8.21 12.09
N LEU C 51 13.41 -8.89 11.00
CA LEU C 51 13.81 -10.30 10.80
C LEU C 51 15.35 -10.42 10.74
N ALA C 52 15.99 -9.46 10.07
CA ALA C 52 17.46 -9.43 9.94
C ALA C 52 18.14 -9.34 11.29
N ILE C 53 17.68 -8.42 12.14
CA ILE C 53 18.24 -8.33 13.48
C ILE C 53 18.05 -9.62 14.26
N VAL C 54 16.83 -10.17 14.27
CA VAL C 54 16.57 -11.36 15.07
C VAL C 54 17.38 -12.56 14.51
N HIS C 55 17.54 -12.64 13.18
CA HIS C 55 18.34 -13.70 12.58
C HIS C 55 19.79 -13.59 13.09
N GLY C 56 20.27 -12.35 13.08
CA GLY C 56 21.57 -11.97 13.63
C GLY C 56 21.78 -12.46 15.05
N LEU C 57 20.82 -12.13 15.91
CA LEU C 57 20.85 -12.60 17.28
C LEU C 57 20.91 -14.10 17.40
N ARG C 58 20.09 -14.80 16.62
CA ARG C 58 20.13 -16.27 16.66
C ARG C 58 21.46 -16.84 16.17
N TYR C 59 21.96 -16.26 15.07
CA TYR C 59 23.23 -16.63 14.44
C TYR C 59 24.39 -16.49 15.44
N LEU C 60 24.41 -15.38 16.18
CA LEU C 60 25.47 -15.11 17.12
C LEU C 60 25.33 -15.94 18.39
N LYS C 61 24.11 -16.11 18.88
CA LYS C 61 23.87 -16.95 20.07
C LYS C 61 24.32 -18.37 19.79
N GLU C 62 24.02 -18.92 18.62
CA GLU C 62 24.41 -20.32 18.40
C GLU C 62 25.91 -20.54 18.30
N ARG C 63 26.62 -19.51 17.83
CA ARG C 63 28.07 -19.53 17.78
C ARG C 63 28.75 -19.04 19.07
N ASN C 64 27.98 -18.80 20.13
CA ASN C 64 28.47 -18.14 21.36
C ASN C 64 29.38 -16.98 21.04
N SER C 65 29.01 -16.18 20.03
CA SER C 65 29.78 -14.99 19.71
C SER C 65 29.41 -13.84 20.63
N ARG C 66 30.41 -13.04 21.01
CA ARG C 66 30.19 -11.83 21.80
C ARG C 66 30.10 -10.55 20.94
N LYS C 67 30.15 -10.69 19.62
CA LYS C 67 30.08 -9.51 18.73
C LYS C 67 28.74 -8.76 18.85
N PRO C 68 28.73 -7.40 18.74
CA PRO C 68 27.45 -6.68 18.71
C PRO C 68 26.89 -6.67 17.30
N ILE C 69 25.65 -6.19 17.15
CA ILE C 69 24.99 -6.01 15.85
C ILE C 69 24.74 -4.54 15.63
N TYR C 70 25.02 -4.09 14.41
CA TYR C 70 24.68 -2.75 13.95
C TYR C 70 23.53 -2.83 12.99
N SER C 71 22.58 -1.93 13.17
CA SER C 71 21.51 -1.67 12.23
C SER C 71 21.34 -0.14 12.14
N ASN C 72 21.04 0.34 10.94
CA ASN C 72 20.71 1.76 10.76
C ASN C 72 19.22 2.10 10.98
N SER C 73 18.40 1.15 11.45
CA SER C 73 16.96 1.33 11.49
C SER C 73 16.50 1.60 12.92
N GLN C 74 16.14 2.85 13.21
CA GLN C 74 15.57 3.20 14.51
C GLN C 74 14.36 2.32 14.81
N THR C 75 13.51 2.10 13.81
CA THR C 75 12.30 1.32 13.98
C THR C 75 12.59 -0.14 14.31
N ALA C 76 13.43 -0.77 13.49
CA ALA C 76 13.71 -2.20 13.71
C ALA C 76 14.37 -2.42 15.07
N ILE C 77 15.28 -1.52 15.46
CA ILE C 77 15.98 -1.68 16.78
C ILE C 77 14.91 -1.57 17.90
N LYS C 78 14.00 -0.62 17.74
CA LYS C 78 12.95 -0.43 18.76
C LYS C 78 12.05 -1.67 18.87
N TRP C 79 11.63 -2.20 17.75
CA TRP C 79 10.80 -3.40 17.71
C TRP C 79 11.48 -4.56 18.40
N VAL C 80 12.76 -4.75 18.10
CA VAL C 80 13.50 -5.86 18.73
C VAL C 80 13.54 -5.65 20.25
N LYS C 81 13.88 -4.43 20.69
CA LYS C 81 13.96 -4.12 22.15
C LYS C 81 12.61 -4.24 22.83
N ASP C 82 11.54 -3.86 22.14
CA ASP C 82 10.16 -4.05 22.62
C ASP C 82 9.69 -5.52 22.51
N LYS C 83 10.38 -6.34 21.72
CA LYS C 83 9.89 -7.69 21.41
C LYS C 83 8.53 -7.67 20.72
N LYS C 84 8.26 -6.60 19.98
CA LYS C 84 6.98 -6.41 19.33
C LYS C 84 7.16 -5.61 18.06
N ALA C 85 6.77 -6.20 16.93
CA ALA C 85 6.88 -5.54 15.61
C ALA C 85 5.55 -4.90 15.24
N LYS C 86 5.44 -3.58 15.39
CA LYS C 86 4.16 -2.93 15.12
C LYS C 86 4.01 -2.51 13.66
N SER C 87 3.97 -3.50 12.76
CA SER C 87 3.79 -3.24 11.34
C SER C 87 2.32 -3.01 11.03
N THR C 88 2.07 -2.20 10.00
CA THR C 88 0.75 -1.88 9.54
C THR C 88 0.41 -2.78 8.38
N LEU C 89 1.31 -3.69 8.03
CA LEU C 89 1.05 -4.49 6.87
C LEU C 89 -0.21 -5.33 7.12
N VAL C 90 -1.18 -5.27 6.20
CA VAL C 90 -2.40 -6.12 6.28
C VAL C 90 -2.01 -7.60 6.35
N ARG C 91 -2.77 -8.38 7.13
CA ARG C 91 -2.60 -9.84 7.13
C ARG C 91 -3.60 -10.46 6.20
N ASN C 92 -3.12 -10.99 5.09
CA ASN C 92 -3.93 -11.81 4.20
C ASN C 92 -3.06 -12.92 3.62
N GLU C 93 -3.58 -13.68 2.67
CA GLU C 93 -2.78 -14.74 2.06
C GLU C 93 -1.47 -14.30 1.39
N GLU C 94 -1.45 -13.10 0.76
CA GLU C 94 -0.17 -12.67 0.14
C GLU C 94 0.89 -12.26 1.18
N THR C 95 0.46 -11.82 2.36
CA THR C 95 1.40 -11.36 3.38
C THR C 95 1.58 -12.39 4.50
N ALA C 96 0.88 -13.52 4.40
CA ALA C 96 1.01 -14.55 5.41
C ALA C 96 2.46 -15.02 5.68
N LEU C 97 3.29 -15.11 4.65
CA LEU C 97 4.65 -15.62 4.86
C LEU C 97 5.45 -14.66 5.73
N ILE C 98 5.51 -13.37 5.35
CA ILE C 98 6.28 -12.39 6.15
C ILE C 98 5.68 -12.32 7.56
N TRP C 99 4.35 -12.37 7.67
CA TRP C 99 3.77 -12.28 8.99
C TRP C 99 4.12 -13.52 9.87
N LYS C 100 4.13 -14.71 9.26
CA LYS C 100 4.45 -15.93 10.03
C LYS C 100 5.90 -15.80 10.55
N LEU C 101 6.80 -15.37 9.69
CA LEU C 101 8.21 -15.17 10.11
C LEU C 101 8.38 -14.12 11.21
N VAL C 102 7.67 -12.99 11.06
CA VAL C 102 7.67 -11.97 12.12
C VAL C 102 7.10 -12.47 13.45
N ASP C 103 5.96 -13.17 13.38
CA ASP C 103 5.30 -13.70 14.58
C ASP C 103 6.27 -14.65 15.28
N GLU C 104 6.94 -15.48 14.50
CA GLU C 104 7.91 -16.41 15.07
C GLU C 104 9.19 -15.78 15.61
N ALA C 105 9.61 -14.68 15.00
CA ALA C 105 10.78 -13.96 15.46
C ALA C 105 10.45 -13.30 16.82
N GLU C 106 9.23 -12.77 16.94
CA GLU C 106 8.76 -12.23 18.23
C GLU C 106 8.73 -13.28 19.33
N GLU C 107 8.18 -14.44 18.98
CA GLU C 107 8.13 -15.55 19.91
C GLU C 107 9.56 -15.95 20.33
N TRP C 108 10.50 -15.97 19.39
CA TRP C 108 11.90 -16.22 19.77
C TRP C 108 12.41 -15.22 20.82
N LEU C 109 12.17 -13.94 20.57
CA LEU C 109 12.67 -12.91 21.47
C LEU C 109 12.06 -13.07 22.87
N ASN C 110 10.81 -13.52 22.92
CA ASN C 110 10.12 -13.64 24.22
C ASN C 110 10.50 -14.89 24.99
N THR C 111 11.26 -15.78 24.37
CA THR C 111 11.58 -17.06 25.00
C THR C 111 13.07 -17.35 25.08
N HIS C 112 13.90 -16.39 24.70
CA HIS C 112 15.36 -16.54 24.77
C HIS C 112 16.03 -15.32 25.36
N THR C 113 17.13 -15.52 26.04
CA THR C 113 17.91 -14.37 26.48
C THR C 113 19.08 -14.22 25.52
N TYR C 114 19.64 -13.02 25.49
CA TYR C 114 20.82 -12.75 24.69
C TYR C 114 21.51 -11.55 25.32
N GLU C 115 22.81 -11.43 25.11
CA GLU C 115 23.50 -10.27 25.63
C GLU C 115 24.03 -9.41 24.49
N THR C 116 23.87 -9.87 23.25
CA THR C 116 24.33 -9.06 22.10
C THR C 116 23.85 -7.59 22.20
N PRO C 117 24.79 -6.63 22.22
CA PRO C 117 24.30 -5.26 22.08
C PRO C 117 23.76 -5.04 20.66
N ILE C 118 22.67 -4.30 20.58
CA ILE C 118 22.09 -3.90 19.27
C ILE C 118 22.29 -2.41 19.16
N LEU C 119 23.18 -2.01 18.25
CA LEU C 119 23.71 -0.65 18.21
C LEU C 119 23.24 0.05 16.94
N LYS C 120 23.02 1.36 17.04
CA LYS C 120 22.62 2.16 15.91
C LYS C 120 23.84 2.55 15.07
N TRP C 121 23.79 2.21 13.79
CA TRP C 121 24.81 2.64 12.85
C TRP C 121 24.53 4.10 12.50
N GLN C 122 25.53 4.97 12.70
CA GLN C 122 25.39 6.39 12.41
C GLN C 122 25.84 6.72 11.00
N THR C 123 24.95 6.51 10.04
CA THR C 123 25.19 6.75 8.63
C THR C 123 25.74 8.16 8.37
N ASP C 124 25.21 9.15 9.08
CA ASP C 124 25.62 10.58 8.94
C ASP C 124 27.14 10.75 9.07
N LYS C 125 27.74 9.92 9.90
CA LYS C 125 29.14 10.04 10.29
C LYS C 125 30.02 8.91 9.75
N TRP C 126 29.45 7.71 9.59
CA TRP C 126 30.27 6.53 9.31
C TRP C 126 30.12 5.99 7.89
N GLY C 127 29.35 6.71 7.08
CA GLY C 127 29.00 6.22 5.75
C GLY C 127 27.93 5.14 5.83
N GLU C 128 27.65 4.52 4.70
CA GLU C 128 26.59 3.52 4.61
C GLU C 128 26.90 2.29 5.48
N ILE C 129 25.83 1.69 6.01
CA ILE C 129 26.00 0.41 6.70
C ILE C 129 26.74 -0.53 5.75
N LYS C 130 27.64 -1.37 6.30
CA LYS C 130 28.48 -2.24 5.48
C LYS C 130 27.63 -3.08 4.56
N ALA C 131 28.01 -3.08 3.28
CA ALA C 131 27.30 -3.81 2.21
C ALA C 131 25.82 -3.38 1.97
N ASP C 132 25.48 -2.16 2.35
CA ASP C 132 24.14 -1.58 2.10
C ASP C 132 23.65 -2.01 0.70
N TYR C 133 22.43 -2.53 0.65
CA TYR C 133 21.85 -2.97 -0.63
C TYR C 133 21.63 -1.77 -1.54
N GLY C 134 21.36 -0.60 -0.95
CA GLY C 134 21.03 0.61 -1.73
C GLY C 134 22.24 1.43 -2.09
NA NA E . 14.48 -14.34 11.90
#